data_5NHR
#
_entry.id   5NHR
#
_cell.length_a   187.826
_cell.length_b   187.826
_cell.length_c   187.826
_cell.angle_alpha   90.000
_cell.angle_beta   90.000
_cell.angle_gamma   90.000
#
_symmetry.space_group_name_H-M   'P 2 3'
#
loop_
_entity.id
_entity.type
_entity.pdbx_description
1 polymer 'Bimagrumab Fv Light-Chain'
2 polymer 'Bimagrumab Fv heavy-chain'
3 polymer 'Activin receptor type-2B'
#
loop_
_entity_poly.entity_id
_entity_poly.type
_entity_poly.pdbx_seq_one_letter_code
_entity_poly.pdbx_strand_id
1 'polypeptide(L)'
;QSALTQPASVSGSPGQSITISCTGTSSDVGSYNYVNWYQQHPGKAPKLMIYGVSKRPSGVSNRFSGSKSGNTASLTISGL
QAEDEADYYCGTFAGGSYYGVFGGGTKLTVLWSHPQFEK
;
L,B
2 'polypeptide(L)'
;QVQLVQSGAEVKKPGASVKVSCKASGYTFTSSYINWVRQAPGQGLEWMGTINPVSGSTSYAQKFQGRVTMTRDTSISTAY
MELSRLRSDDTAVYYCARGGWFDYWGQGTLVTVSSHHHHHH
;
H,A
3 'polypeptide(L)'
;GPKAMAETRECIYYNANWELERTNQSGLERCEGEQDKRLHCYASWRNSSGTIELVKKGCWLDDFNCYDRQECVATEENPQ
VYFCCCEGNFCNERFTHLP
;
C,D
#
# COMPACT_ATOMS: atom_id res chain seq x y z
N SER A 2 4.91 -7.60 15.34
CA SER A 2 3.64 -6.93 14.89
C SER A 2 3.89 -5.64 14.06
N ALA A 3 3.78 -5.76 12.74
CA ALA A 3 4.16 -4.66 11.84
C ALA A 3 3.56 -3.31 12.22
N LEU A 4 4.30 -2.26 11.91
CA LEU A 4 3.79 -0.90 12.02
C LEU A 4 3.47 -0.48 10.59
N THR A 5 2.26 0.05 10.39
CA THR A 5 1.87 0.54 9.08
C THR A 5 1.82 2.05 9.01
N GLN A 6 2.50 2.58 8.00
CA GLN A 6 2.47 4.01 7.74
C GLN A 6 2.32 4.23 6.23
N PRO A 7 1.64 5.32 5.84
CA PRO A 7 1.31 5.56 4.43
C PRO A 7 2.52 5.52 3.53
N ALA A 8 2.29 5.12 2.28
CA ALA A 8 3.35 4.90 1.32
C ALA A 8 4.10 6.18 1.03
N SER A 9 3.35 7.25 0.83
CA SER A 9 3.92 8.55 0.47
C SER A 9 2.97 9.68 0.83
N VAL A 10 3.52 10.86 1.03
CA VAL A 10 2.74 12.07 1.17
C VAL A 10 3.48 13.22 0.52
N SER A 11 2.73 14.15 -0.03
CA SER A 11 3.30 15.32 -0.66
C SER A 11 2.92 16.57 0.12
N GLY A 12 3.82 17.55 0.08
CA GLY A 12 3.53 18.83 0.69
C GLY A 12 4.05 19.99 -0.12
N SER A 13 3.49 21.18 0.11
CA SER A 13 4.02 22.40 -0.48
C SER A 13 4.89 23.08 0.56
N PRO A 14 5.95 23.75 0.12
CA PRO A 14 6.85 24.45 1.03
C PRO A 14 6.08 25.33 1.97
N GLY A 15 6.53 25.39 3.22
CA GLY A 15 5.84 26.22 4.18
C GLY A 15 4.72 25.49 4.89
N GLN A 16 4.14 24.49 4.25
CA GLN A 16 3.00 23.76 4.83
C GLN A 16 3.41 22.86 6.00
N SER A 17 2.42 22.30 6.71
CA SER A 17 2.68 21.20 7.63
C SER A 17 2.20 19.86 7.06
N ILE A 18 3.04 18.84 7.19
CA ILE A 18 2.57 17.49 6.90
C ILE A 18 2.74 16.65 8.15
N THR A 19 1.92 15.61 8.23
CA THR A 19 1.93 14.68 9.34
C THR A 19 1.95 13.27 8.82
N ILE A 20 2.96 12.51 9.22
CA ILE A 20 3.04 11.10 8.87
C ILE A 20 2.62 10.27 10.07
N SER A 21 1.82 9.24 9.83
CA SER A 21 1.25 8.42 10.91
C SER A 21 1.82 7.01 10.95
N CYS A 22 1.77 6.39 12.13
CA CYS A 22 2.40 5.08 12.35
C CYS A 22 1.50 4.25 13.23
N THR A 23 0.82 3.27 12.63
CA THR A 23 -0.22 2.57 13.35
C THR A 23 0.12 1.12 13.65
N GLY A 24 -0.15 0.73 14.89
CA GLY A 24 0.01 -0.65 15.28
C GLY A 24 -1.15 -1.05 16.16
N THR A 25 -0.91 -1.99 17.07
CA THR A 25 -1.94 -2.48 17.97
C THR A 25 -1.71 -1.96 19.38
N SER A 26 -2.66 -2.21 20.28
CA SER A 26 -2.55 -1.73 21.65
C SER A 26 -1.51 -2.55 22.40
N SER A 27 -1.17 -3.71 21.85
CA SER A 27 -0.06 -4.52 22.34
C SER A 27 1.21 -3.70 22.42
N ASP A 28 1.47 -2.94 21.36
CA ASP A 28 2.69 -2.15 21.26
C ASP A 28 2.44 -0.65 21.42
N VAL A 29 2.06 0.00 20.33
CA VAL A 29 2.00 1.46 20.29
C VAL A 29 1.04 1.96 21.34
N GLY A 30 -0.04 1.22 21.55
CA GLY A 30 -1.04 1.60 22.53
C GLY A 30 -0.53 1.49 23.95
N SER A 31 0.51 0.68 24.14
CA SER A 31 1.01 0.32 25.46
C SER A 31 2.22 1.12 25.94
N TYR A 32 3.10 1.49 25.02
CA TYR A 32 4.39 2.07 25.40
C TYR A 32 4.70 3.38 24.67
N ASN A 33 5.29 4.33 25.38
CA ASN A 33 5.72 5.57 24.76
C ASN A 33 7.11 5.41 24.17
N TYR A 34 7.22 4.52 23.18
CA TYR A 34 8.53 4.16 22.69
C TYR A 34 8.58 4.14 21.19
N VAL A 35 7.78 4.98 20.55
CA VAL A 35 7.83 5.13 19.11
C VAL A 35 8.85 6.20 18.75
N ASN A 36 9.54 6.00 17.63
CA ASN A 36 10.58 6.92 17.20
C ASN A 36 10.49 7.13 15.70
N TRP A 37 11.10 8.21 15.25
CA TRP A 37 11.00 8.63 13.86
C TRP A 37 12.37 8.90 13.27
N TYR A 38 12.68 8.24 12.17
CA TYR A 38 13.97 8.40 11.52
C TYR A 38 13.77 8.98 10.12
N GLN A 39 14.58 9.98 9.78
CA GLN A 39 14.59 10.56 8.45
C GLN A 39 15.74 9.96 7.67
N GLN A 40 15.52 9.61 6.42
CA GLN A 40 16.61 9.02 5.65
C GLN A 40 16.69 9.53 4.22
N HIS A 41 17.68 10.38 3.95
CA HIS A 41 17.87 10.87 2.61
C HIS A 41 18.49 9.77 1.79
N PRO A 42 18.19 9.73 0.48
CA PRO A 42 18.54 8.59 -0.36
C PRO A 42 20.03 8.28 -0.34
N GLY A 43 20.38 7.02 -0.09
CA GLY A 43 21.76 6.62 -0.16
C GLY A 43 22.57 7.07 1.04
N LYS A 44 21.89 7.42 2.12
CA LYS A 44 22.56 7.80 3.36
C LYS A 44 21.90 7.12 4.55
N ALA A 45 22.59 7.11 5.68
CA ALA A 45 22.07 6.41 6.85
C ALA A 45 20.97 7.20 7.53
N PRO A 46 20.00 6.50 8.12
CA PRO A 46 18.93 7.14 8.87
C PRO A 46 19.45 8.06 9.97
N LYS A 47 18.67 9.09 10.28
CA LYS A 47 18.96 9.98 11.40
C LYS A 47 17.75 10.02 12.34
N LEU A 48 18.01 10.05 13.64
CA LEU A 48 16.91 10.03 14.60
C LEU A 48 16.30 11.44 14.72
N MET A 49 15.01 11.55 14.45
CA MET A 49 14.33 12.85 14.54
C MET A 49 13.57 12.99 15.86
N ILE A 50 12.78 11.98 16.20
CA ILE A 50 12.04 11.99 17.45
C ILE A 50 12.18 10.62 18.07
N TYR A 51 12.26 10.58 19.40
CA TYR A 51 12.17 9.31 20.10
C TYR A 51 11.24 9.43 21.30
N GLY A 52 10.86 8.28 21.86
CA GLY A 52 10.05 8.33 23.05
C GLY A 52 8.74 9.02 22.76
N VAL A 53 8.21 8.73 21.57
CA VAL A 53 6.96 9.30 21.06
C VAL A 53 7.05 10.75 20.66
N SER A 54 7.74 11.56 21.47
CA SER A 54 7.62 13.00 21.41
C SER A 54 8.92 13.76 21.69
N LYS A 55 9.98 13.07 22.08
CA LYS A 55 11.19 13.77 22.49
C LYS A 55 12.10 14.01 21.31
N ARG A 56 12.77 15.16 21.30
CA ARG A 56 13.62 15.50 20.18
C ARG A 56 15.09 15.64 20.60
N PRO A 57 16.00 14.96 19.89
CA PRO A 57 17.45 15.03 20.12
C PRO A 57 17.98 16.44 19.94
N SER A 58 19.18 16.71 20.43
CA SER A 58 19.81 17.98 20.13
C SER A 58 20.11 18.05 18.64
N GLY A 59 20.09 19.27 18.11
CA GLY A 59 20.44 19.48 16.72
C GLY A 59 19.32 19.12 15.76
N VAL A 60 18.13 18.85 16.29
CA VAL A 60 17.00 18.55 15.45
C VAL A 60 16.04 19.73 15.45
N SER A 61 15.70 20.20 14.25
CA SER A 61 14.85 21.38 14.09
C SER A 61 13.56 21.21 14.86
N ASN A 62 13.19 22.25 15.60
CA ASN A 62 11.95 22.26 16.36
C ASN A 62 10.71 22.08 15.49
N ARG A 63 10.89 22.17 14.16
CA ARG A 63 9.79 21.95 13.22
C ARG A 63 9.29 20.51 13.27
N PHE A 64 10.18 19.62 13.71
CA PHE A 64 9.85 18.22 13.93
C PHE A 64 9.27 18.01 15.32
N SER A 65 8.05 17.48 15.37
CA SER A 65 7.44 17.14 16.64
C SER A 65 6.75 15.79 16.56
N GLY A 66 6.51 15.17 17.72
CA GLY A 66 5.87 13.87 17.73
C GLY A 66 4.78 13.72 18.75
N SER A 67 3.81 12.87 18.47
CA SER A 67 2.69 12.65 19.37
C SER A 67 2.12 11.27 19.17
N LYS A 68 1.13 10.93 19.99
CA LYS A 68 0.51 9.62 19.91
C LYS A 68 -0.91 9.69 20.47
N SER A 69 -1.86 9.18 19.70
CA SER A 69 -3.23 9.01 20.19
C SER A 69 -3.68 7.57 19.95
N GLY A 70 -4.09 6.90 21.03
CA GLY A 70 -4.50 5.52 20.89
C GLY A 70 -3.38 4.63 20.38
N ASN A 71 -3.56 4.09 19.18
CA ASN A 71 -2.62 3.11 18.65
C ASN A 71 -1.82 3.62 17.48
N THR A 72 -1.84 4.94 17.30
CA THR A 72 -1.04 5.59 16.27
C THR A 72 -0.20 6.76 16.78
N ALA A 73 1.08 6.71 16.45
CA ALA A 73 1.97 7.81 16.74
C ALA A 73 2.08 8.62 15.46
N SER A 74 2.24 9.92 15.59
CA SER A 74 2.32 10.79 14.42
C SER A 74 3.49 11.75 14.48
N LEU A 75 4.29 11.75 13.41
CA LEU A 75 5.36 12.73 13.24
C LEU A 75 4.79 13.92 12.51
N THR A 76 5.14 15.13 12.95
CA THR A 76 4.68 16.32 12.24
C THR A 76 5.81 17.27 11.91
N ILE A 77 5.96 17.53 10.63
CA ILE A 77 6.98 18.43 10.16
C ILE A 77 6.31 19.76 9.82
N SER A 78 6.69 20.83 10.52
CA SER A 78 6.08 22.13 10.27
C SER A 78 6.97 22.99 9.39
N GLY A 79 6.36 23.84 8.58
CA GLY A 79 7.13 24.71 7.70
C GLY A 79 8.04 23.96 6.77
N LEU A 80 7.46 23.08 5.96
CA LEU A 80 8.22 22.26 5.02
C LEU A 80 9.33 22.96 4.28
N GLN A 81 10.45 22.27 4.09
CA GLN A 81 11.55 22.78 3.29
C GLN A 81 11.98 21.75 2.28
N ALA A 82 12.70 22.19 1.27
CA ALA A 82 13.04 21.29 0.17
C ALA A 82 13.88 20.17 0.73
N GLU A 83 14.65 20.48 1.77
CA GLU A 83 15.56 19.52 2.36
C GLU A 83 14.83 18.51 3.26
N ASP A 84 13.52 18.72 3.48
CA ASP A 84 12.73 17.78 4.25
C ASP A 84 12.32 16.58 3.41
N GLU A 85 12.63 16.62 2.13
CA GLU A 85 12.28 15.53 1.27
C GLU A 85 13.18 14.33 1.51
N ALA A 86 12.59 13.27 2.06
CA ALA A 86 13.34 12.06 2.42
C ALA A 86 12.38 10.88 2.70
N ASP A 87 12.92 9.73 3.09
CA ASP A 87 12.07 8.66 3.60
C ASP A 87 11.96 8.81 5.12
N TYR A 88 10.78 8.59 5.65
CA TYR A 88 10.60 8.63 7.10
C TYR A 88 10.10 7.28 7.61
N TYR A 89 10.87 6.64 8.48
CA TYR A 89 10.42 5.40 9.10
C TYR A 89 10.11 5.64 10.57
N CYS A 90 9.09 4.97 11.07
CA CYS A 90 8.92 4.85 12.51
C CYS A 90 9.39 3.50 12.96
N GLY A 91 9.94 3.45 14.17
CA GLY A 91 10.31 2.18 14.76
C GLY A 91 9.86 2.19 16.20
N THR A 92 10.18 1.12 16.93
CA THR A 92 9.99 1.12 18.37
C THR A 92 11.34 0.86 19.03
N PHE A 93 11.39 1.01 20.34
CA PHE A 93 12.62 0.81 21.09
C PHE A 93 13.07 -0.62 20.93
N ALA A 94 14.37 -0.83 20.83
CA ALA A 94 14.89 -2.16 20.56
C ALA A 94 16.00 -2.51 21.53
N GLY A 95 15.76 -3.49 22.40
CA GLY A 95 16.75 -3.82 23.41
C GLY A 95 16.08 -4.09 24.74
N GLY A 96 16.65 -4.96 25.55
CA GLY A 96 15.98 -5.34 26.78
C GLY A 96 14.75 -6.20 26.49
N SER A 97 13.66 -5.90 27.20
CA SER A 97 12.44 -6.68 27.07
C SER A 97 11.81 -6.46 25.70
N TYR A 98 12.38 -5.51 24.95
CA TYR A 98 11.74 -5.00 23.75
C TYR A 98 12.45 -5.39 22.46
N TYR A 99 11.66 -5.86 21.50
CA TYR A 99 12.21 -6.31 20.23
C TYR A 99 11.86 -5.33 19.12
N GLY A 100 12.75 -5.23 18.14
CA GLY A 100 12.66 -4.16 17.17
C GLY A 100 11.60 -4.37 16.11
N VAL A 101 11.11 -3.26 15.59
CA VAL A 101 10.19 -3.29 14.46
C VAL A 101 10.21 -1.91 13.78
N PHE A 102 10.03 -1.91 12.47
CA PHE A 102 9.94 -0.67 11.73
C PHE A 102 8.67 -0.62 10.86
N GLY A 103 8.26 0.59 10.51
CA GLY A 103 7.20 0.76 9.54
C GLY A 103 7.70 0.58 8.11
N GLY A 104 6.77 0.63 7.16
CA GLY A 104 7.15 0.47 5.77
C GLY A 104 7.91 1.69 5.32
N GLY A 105 7.72 2.78 6.05
CA GLY A 105 8.26 4.05 5.64
C GLY A 105 7.28 4.89 4.81
N THR A 106 7.50 6.20 4.82
CA THR A 106 6.74 7.10 3.99
C THR A 106 7.73 7.90 3.15
N LYS A 107 7.44 8.06 1.86
CA LYS A 107 8.27 8.95 1.07
C LYS A 107 7.59 10.30 1.02
N LEU A 108 8.23 11.27 1.67
CA LEU A 108 7.72 12.63 1.73
C LEU A 108 8.29 13.38 0.55
N THR A 109 7.42 13.87 -0.33
CA THR A 109 7.85 14.67 -1.46
C THR A 109 7.48 16.13 -1.24
N VAL A 110 8.44 17.03 -1.37
CA VAL A 110 8.19 18.44 -1.09
C VAL A 110 8.36 19.24 -2.37
N LEU A 111 7.25 19.52 -3.05
CA LEU A 111 7.31 20.10 -4.39
C LEU A 111 7.49 21.60 -4.36
N TRP A 112 8.67 22.05 -4.81
CA TRP A 112 8.92 23.42 -5.29
C TRP A 112 8.86 23.44 -6.82
N GLN B 1 32.29 13.73 17.44
CA GLN B 1 31.71 13.29 18.74
C GLN B 1 31.25 11.84 18.58
N VAL B 2 30.00 11.55 18.94
CA VAL B 2 29.47 10.18 18.81
C VAL B 2 29.50 9.71 17.38
N GLN B 3 30.05 8.54 17.16
CA GLN B 3 30.32 8.11 15.80
C GLN B 3 30.53 6.59 15.71
N LEU B 4 29.77 5.93 14.85
CA LEU B 4 30.00 4.53 14.57
C LEU B 4 30.46 4.42 13.13
N VAL B 5 31.61 3.80 12.92
CA VAL B 5 32.09 3.58 11.56
C VAL B 5 32.22 2.11 11.22
N GLN B 6 31.70 1.72 10.06
CA GLN B 6 31.53 0.30 9.74
C GLN B 6 32.60 -0.23 8.80
N SER B 7 32.66 -1.55 8.67
CA SER B 7 33.62 -2.19 7.78
C SER B 7 33.26 -1.93 6.31
N GLY B 8 34.25 -2.07 5.43
CA GLY B 8 34.05 -1.82 4.01
C GLY B 8 33.08 -2.78 3.33
N ALA B 9 32.81 -2.52 2.05
CA ALA B 9 31.78 -3.26 1.31
C ALA B 9 32.21 -4.68 1.02
N GLU B 10 31.28 -5.61 1.08
CA GLU B 10 31.58 -7.01 0.85
C GLU B 10 30.81 -7.55 -0.36
N VAL B 11 31.51 -8.30 -1.21
CA VAL B 11 30.85 -9.12 -2.25
C VAL B 11 31.04 -10.60 -1.94
N LYS B 12 29.94 -11.33 -1.78
CA LYS B 12 30.02 -12.74 -1.40
C LYS B 12 29.32 -13.60 -2.43
N LYS B 13 29.69 -14.88 -2.45
CA LYS B 13 28.95 -15.88 -3.23
C LYS B 13 27.94 -16.53 -2.31
N PRO B 14 26.77 -16.94 -2.85
CA PRO B 14 25.71 -17.53 -2.02
C PRO B 14 26.24 -18.68 -1.18
N GLY B 15 25.43 -19.13 -0.21
CA GLY B 15 25.87 -20.17 0.69
C GLY B 15 26.97 -19.78 1.67
N ALA B 16 27.81 -18.82 1.29
CA ALA B 16 28.91 -18.36 2.14
C ALA B 16 28.44 -17.68 3.44
N SER B 17 29.32 -16.83 3.98
CA SER B 17 28.96 -15.99 5.11
C SER B 17 29.76 -14.67 5.13
N VAL B 18 29.19 -13.65 5.78
CA VAL B 18 29.81 -12.34 5.90
C VAL B 18 29.71 -11.87 7.35
N LYS B 19 30.71 -11.09 7.76
CA LYS B 19 30.78 -10.55 9.10
C LYS B 19 31.18 -9.07 9.02
N VAL B 20 30.31 -8.20 9.52
CA VAL B 20 30.49 -6.75 9.40
C VAL B 20 30.91 -6.18 10.74
N SER B 21 31.75 -5.16 10.70
CA SER B 21 32.23 -4.57 11.93
C SER B 21 31.71 -3.15 12.13
N CYS B 22 31.68 -2.71 13.39
CA CYS B 22 31.11 -1.42 13.78
C CYS B 22 31.99 -0.84 14.89
N LYS B 23 32.71 0.23 14.57
CA LYS B 23 33.70 0.78 15.48
C LYS B 23 33.24 2.07 16.16
N ALA B 24 32.77 1.94 17.40
CA ALA B 24 32.23 3.05 18.14
C ALA B 24 33.33 3.93 18.73
N SER B 25 33.27 5.21 18.41
CA SER B 25 34.10 6.21 19.08
C SER B 25 33.17 7.29 19.62
N GLY B 26 33.70 8.23 20.40
CA GLY B 26 32.92 9.40 20.77
C GLY B 26 32.04 9.23 21.99
N TYR B 27 32.02 8.03 22.56
CA TYR B 27 31.25 7.80 23.77
C TYR B 27 31.72 6.51 24.40
N THR B 28 31.16 6.16 25.56
CA THR B 28 31.59 4.97 26.25
C THR B 28 30.92 3.72 25.68
N PHE B 29 31.66 2.98 24.86
CA PHE B 29 31.09 1.90 24.08
C PHE B 29 30.12 1.02 24.88
N THR B 30 30.49 0.72 26.11
CA THR B 30 29.72 -0.25 26.88
C THR B 30 28.59 0.41 27.66
N SER B 31 28.25 1.63 27.28
CA SER B 31 27.26 2.39 28.05
C SER B 31 25.85 2.26 27.48
N SER B 32 25.74 1.64 26.30
CA SER B 32 24.44 1.31 25.73
C SER B 32 24.52 0.24 24.63
N TYR B 33 23.36 -0.30 24.25
CA TYR B 33 23.28 -1.40 23.29
C TYR B 33 23.90 -1.00 21.96
N ILE B 34 24.16 -2.01 21.13
CA ILE B 34 24.35 -1.80 19.70
C ILE B 34 23.26 -2.57 19.00
N ASN B 35 22.64 -1.94 17.99
CA ASN B 35 21.58 -2.57 17.24
C ASN B 35 22.02 -2.74 15.80
N TRP B 36 21.48 -3.76 15.15
CA TRP B 36 21.80 -4.03 13.76
C TRP B 36 20.53 -4.03 12.93
N VAL B 37 20.58 -3.31 11.82
CA VAL B 37 19.44 -3.16 10.92
C VAL B 37 19.98 -3.24 9.48
N ARG B 38 19.28 -3.97 8.61
CA ARG B 38 19.65 -4.00 7.19
C ARG B 38 18.57 -3.46 6.28
N GLN B 39 18.97 -3.11 5.05
CA GLN B 39 18.09 -2.48 4.09
C GLN B 39 18.29 -2.98 2.66
N ALA B 40 17.36 -3.84 2.22
CA ALA B 40 17.33 -4.34 0.85
C ALA B 40 17.15 -3.18 -0.14
N PRO B 41 17.98 -3.11 -1.20
CA PRO B 41 18.02 -1.93 -2.06
C PRO B 41 16.62 -1.53 -2.51
N GLY B 42 16.33 -0.25 -2.33
CA GLY B 42 14.99 0.25 -2.56
C GLY B 42 13.96 -0.46 -1.72
N GLN B 43 14.13 -0.41 -0.41
CA GLN B 43 13.16 -1.05 0.49
C GLN B 43 13.29 -0.60 1.94
N GLY B 44 12.45 -1.17 2.81
CA GLY B 44 12.31 -0.69 4.18
C GLY B 44 13.49 -0.97 5.08
N LEU B 45 13.38 -0.62 6.35
CA LEU B 45 14.43 -0.93 7.28
C LEU B 45 14.02 -2.20 7.97
N GLU B 46 14.94 -3.16 8.08
CA GLU B 46 14.63 -4.40 8.76
C GLU B 46 15.52 -4.60 9.98
N TRP B 47 14.90 -4.82 11.12
CA TRP B 47 15.64 -5.01 12.36
C TRP B 47 16.18 -6.42 12.47
N MET B 48 17.46 -6.57 12.79
CA MET B 48 18.04 -7.90 12.93
C MET B 48 18.21 -8.36 14.38
N GLY B 49 18.74 -7.49 15.22
CA GLY B 49 18.94 -7.87 16.61
C GLY B 49 19.67 -6.82 17.43
N THR B 50 19.72 -7.05 18.74
CA THR B 50 20.38 -6.12 19.67
C THR B 50 21.46 -6.87 20.44
N ILE B 51 22.58 -6.23 20.69
CA ILE B 51 23.55 -6.82 21.59
C ILE B 51 23.82 -5.89 22.74
N ASN B 52 23.87 -6.44 23.95
CA ASN B 52 24.17 -5.64 25.12
C ASN B 52 25.65 -5.78 25.41
N PRO B 53 26.44 -4.77 25.07
CA PRO B 53 27.90 -4.93 25.04
C PRO B 53 28.50 -5.21 26.42
N VAL B 54 27.73 -4.90 27.47
CA VAL B 54 28.18 -5.22 28.81
C VAL B 54 27.90 -6.68 29.12
N SER B 55 26.63 -7.03 29.23
CA SER B 55 26.24 -8.39 29.56
C SER B 55 26.73 -9.40 28.52
N GLY B 56 26.96 -8.93 27.30
CA GLY B 56 27.30 -9.86 26.24
C GLY B 56 26.08 -10.51 25.64
N SER B 57 24.93 -10.28 26.23
CA SER B 57 23.68 -10.90 25.77
C SER B 57 23.24 -10.47 24.36
N THR B 58 22.40 -11.28 23.72
CA THR B 58 21.82 -10.93 22.41
C THR B 58 20.34 -11.31 22.29
N SER B 59 19.56 -10.43 21.66
CA SER B 59 18.24 -10.77 21.11
C SER B 59 18.24 -10.69 19.60
N TYR B 60 17.52 -11.61 18.95
CA TYR B 60 17.56 -11.74 17.51
C TYR B 60 16.18 -11.68 16.88
N ALA B 61 16.15 -11.18 15.65
CA ALA B 61 14.93 -11.18 14.86
C ALA B 61 14.63 -12.61 14.45
N GLN B 62 13.40 -13.03 14.69
CA GLN B 62 13.03 -14.42 14.41
C GLN B 62 13.36 -14.77 12.97
N LYS B 63 13.09 -13.86 12.05
CA LYS B 63 13.50 -14.04 10.66
C LYS B 63 14.96 -14.53 10.55
N PHE B 64 15.84 -14.02 11.39
CA PHE B 64 17.27 -14.36 11.29
C PHE B 64 17.72 -15.37 12.36
N GLN B 65 16.76 -15.83 13.16
CA GLN B 65 17.07 -16.65 14.32
C GLN B 65 17.82 -17.90 13.87
N GLY B 66 19.08 -17.99 14.26
CA GLY B 66 19.85 -19.16 13.95
C GLY B 66 20.59 -19.11 12.63
N ARG B 67 21.02 -17.93 12.20
CA ARG B 67 22.06 -17.85 11.18
C ARG B 67 22.75 -16.50 11.16
N VAL B 68 22.39 -15.64 12.11
CA VAL B 68 23.12 -14.41 12.36
C VAL B 68 23.74 -14.40 13.76
N THR B 69 25.00 -13.99 13.81
CA THR B 69 25.74 -13.99 15.06
C THR B 69 26.29 -12.62 15.43
N MET B 70 25.87 -12.14 16.61
CA MET B 70 26.23 -10.82 17.08
C MET B 70 27.16 -10.85 18.28
N THR B 71 28.23 -10.06 18.18
CA THR B 71 29.32 -10.10 19.13
C THR B 71 30.00 -8.74 19.25
N ARG B 72 30.80 -8.55 20.29
CA ARG B 72 31.60 -7.35 20.41
C ARG B 72 32.93 -7.59 21.13
N ASP B 73 33.97 -6.87 20.71
CA ASP B 73 35.28 -6.91 21.38
C ASP B 73 35.49 -5.60 22.15
N THR B 74 35.14 -5.59 23.43
CA THR B 74 34.99 -4.34 24.15
C THR B 74 36.33 -3.62 24.29
N SER B 75 37.42 -4.36 24.11
CA SER B 75 38.77 -3.80 24.27
C SER B 75 39.20 -2.93 23.09
N ILE B 76 38.37 -2.91 22.06
CA ILE B 76 38.57 -2.02 20.92
C ILE B 76 37.25 -1.36 20.51
N SER B 77 36.24 -1.53 21.36
CA SER B 77 34.93 -0.90 21.16
C SER B 77 34.34 -1.22 19.81
N THR B 78 34.29 -2.49 19.45
CA THR B 78 33.77 -2.85 18.15
C THR B 78 32.73 -3.94 18.24
N ALA B 79 31.59 -3.74 17.59
CA ALA B 79 30.58 -4.78 17.55
C ALA B 79 30.62 -5.43 16.19
N TYR B 80 30.23 -6.70 16.14
CA TYR B 80 30.29 -7.46 14.88
C TYR B 80 28.96 -8.10 14.59
N MET B 81 28.65 -8.22 13.31
CA MET B 81 27.50 -8.99 12.83
C MET B 81 27.93 -10.00 11.79
N GLU B 82 27.57 -11.25 12.01
CA GLU B 82 27.90 -12.30 11.07
C GLU B 82 26.66 -13.03 10.58
N LEU B 83 26.42 -12.91 9.29
CA LEU B 83 25.32 -13.57 8.62
C LEU B 83 25.89 -14.72 7.83
N SER B 84 25.39 -15.92 8.11
CA SER B 84 25.91 -17.16 7.53
C SER B 84 24.89 -17.80 6.60
N ARG B 85 25.39 -18.63 5.69
CA ARG B 85 24.55 -19.34 4.71
C ARG B 85 23.74 -18.30 3.92
N LEU B 86 24.48 -17.39 3.29
CA LEU B 86 23.88 -16.27 2.58
C LEU B 86 22.92 -16.71 1.49
N ARG B 87 22.29 -15.73 0.86
CA ARG B 87 21.51 -15.95 -0.35
C ARG B 87 21.52 -14.69 -1.20
N SER B 88 20.48 -14.53 -2.01
CA SER B 88 20.36 -13.37 -2.87
C SER B 88 19.63 -12.26 -2.11
N ASP B 89 18.49 -12.61 -1.53
CA ASP B 89 17.71 -11.66 -0.76
C ASP B 89 18.35 -11.46 0.60
N ASP B 90 19.67 -11.56 0.65
CA ASP B 90 20.43 -11.10 1.80
C ASP B 90 21.17 -9.85 1.36
N THR B 91 21.18 -9.59 0.06
CA THR B 91 21.94 -8.46 -0.48
C THR B 91 21.29 -7.19 0.02
N ALA B 92 22.00 -6.46 0.87
CA ALA B 92 21.46 -5.27 1.49
C ALA B 92 22.57 -4.32 1.91
N VAL B 93 22.17 -3.18 2.44
CA VAL B 93 23.07 -2.38 3.27
C VAL B 93 22.79 -2.71 4.74
N TYR B 94 23.88 -2.85 5.50
CA TYR B 94 23.79 -3.28 6.89
C TYR B 94 24.24 -2.17 7.83
N TYR B 95 23.39 -1.87 8.81
CA TYR B 95 23.62 -0.76 9.71
C TYR B 95 23.79 -1.25 11.14
N CYS B 96 24.70 -0.61 11.86
CA CYS B 96 24.61 -0.61 13.30
C CYS B 96 24.20 0.77 13.79
N ALA B 97 23.51 0.79 14.93
CA ALA B 97 23.00 2.01 15.50
C ALA B 97 23.17 1.93 17.01
N ARG B 98 23.38 3.08 17.66
CA ARG B 98 23.64 3.14 19.09
C ARG B 98 22.37 3.13 19.95
N GLY B 99 22.37 2.28 20.98
CA GLY B 99 21.31 2.34 21.96
C GLY B 99 19.95 2.00 21.40
N GLY B 100 18.99 1.77 22.29
CA GLY B 100 17.70 1.25 21.86
C GLY B 100 16.85 2.27 21.15
N TRP B 101 17.29 3.52 21.10
CA TRP B 101 16.56 4.55 20.37
C TRP B 101 17.19 4.71 18.99
N PHE B 102 18.29 4.03 18.77
CA PHE B 102 18.96 4.09 17.48
C PHE B 102 19.40 5.53 17.24
N ASP B 103 19.82 6.22 18.28
CA ASP B 103 19.99 7.66 18.17
C ASP B 103 21.15 8.08 17.30
N TYR B 104 22.06 7.15 17.01
CA TYR B 104 23.15 7.39 16.06
C TYR B 104 23.37 6.17 15.19
N TRP B 105 23.46 6.38 13.88
CA TRP B 105 23.57 5.27 12.93
C TRP B 105 24.97 5.20 12.30
N GLY B 106 25.44 3.99 12.03
CA GLY B 106 26.68 3.83 11.28
C GLY B 106 26.52 4.33 9.85
N GLN B 107 27.55 4.23 9.03
CA GLN B 107 27.40 4.69 7.66
C GLN B 107 26.90 3.59 6.73
N GLY B 108 26.71 2.39 7.28
CA GLY B 108 26.24 1.26 6.49
C GLY B 108 27.33 0.46 5.78
N THR B 109 27.11 -0.84 5.67
CA THR B 109 28.02 -1.70 4.91
C THR B 109 27.23 -2.47 3.85
N LEU B 110 27.57 -2.24 2.57
CA LEU B 110 26.89 -2.92 1.47
C LEU B 110 27.43 -4.32 1.26
N VAL B 111 26.57 -5.31 1.47
CA VAL B 111 26.94 -6.68 1.18
C VAL B 111 26.14 -7.21 -0.01
N THR B 112 26.84 -7.42 -1.13
CA THR B 112 26.27 -7.98 -2.36
C THR B 112 26.59 -9.47 -2.53
N VAL B 113 25.56 -10.29 -2.38
CA VAL B 113 25.70 -11.74 -2.37
C VAL B 113 25.20 -12.35 -3.67
N SER B 114 26.10 -12.39 -4.66
CA SER B 114 25.76 -12.80 -6.01
C SER B 114 26.71 -13.86 -6.56
N SER B 115 26.13 -14.85 -7.25
CA SER B 115 26.86 -15.84 -8.04
C SER B 115 27.32 -15.25 -9.41
N SER C 2 -3.81 -7.27 -16.31
CA SER C 2 -2.55 -6.53 -16.69
C SER C 2 -2.69 -4.98 -16.59
N ALA C 3 -2.18 -4.42 -15.50
CA ALA C 3 -2.39 -2.99 -15.20
C ALA C 3 -2.09 -2.06 -16.37
N LEU C 4 -2.82 -0.95 -16.40
CA LEU C 4 -2.55 0.12 -17.34
C LEU C 4 -1.88 1.19 -16.52
N THR C 5 -0.75 1.70 -17.00
CA THR C 5 -0.04 2.76 -16.30
C THR C 5 -0.14 4.08 -17.04
N GLN C 6 -0.52 5.10 -16.27
CA GLN C 6 -0.59 6.45 -16.80
C GLN C 6 -0.03 7.40 -15.74
N PRO C 7 0.59 8.51 -16.17
CA PRO C 7 1.31 9.42 -15.26
C PRO C 7 0.44 9.92 -14.14
N ALA C 8 1.06 10.21 -13.00
CA ALA C 8 0.35 10.54 -11.77
C ALA C 8 -0.40 11.82 -11.93
N SER C 9 0.26 12.82 -12.54
CA SER C 9 -0.33 14.14 -12.75
C SER C 9 0.33 14.87 -13.90
N VAL C 10 -0.39 15.82 -14.47
CA VAL C 10 0.16 16.73 -15.46
C VAL C 10 -0.47 18.09 -15.28
N SER C 11 0.32 19.13 -15.53
CA SER C 11 -0.16 20.48 -15.44
C SER C 11 -0.17 21.14 -16.80
N GLY C 12 -1.11 22.07 -16.98
CA GLY C 12 -1.18 22.83 -18.22
C GLY C 12 -1.57 24.28 -17.97
N SER C 13 -1.25 25.12 -18.94
CA SER C 13 -1.73 26.49 -18.92
C SER C 13 -2.95 26.59 -19.82
N PRO C 14 -3.90 27.46 -19.46
CA PRO C 14 -5.10 27.64 -20.27
C PRO C 14 -4.74 27.87 -21.71
N GLY C 15 -5.55 27.32 -22.61
CA GLY C 15 -5.29 27.51 -24.03
C GLY C 15 -4.34 26.47 -24.58
N GLN C 16 -3.49 25.90 -23.74
CA GLN C 16 -2.51 24.89 -24.18
C GLN C 16 -3.14 23.53 -24.54
N SER C 17 -2.35 22.64 -25.15
CA SER C 17 -2.74 21.25 -25.26
C SER C 17 -1.97 20.38 -24.28
N ILE C 18 -2.68 19.48 -23.61
CA ILE C 18 -2.01 18.44 -22.85
C ILE C 18 -2.42 17.09 -23.38
N THR C 19 -1.55 16.12 -23.20
CA THR C 19 -1.80 14.76 -23.61
C THR C 19 -1.50 13.79 -22.48
N ILE C 20 -2.49 13.00 -22.10
CA ILE C 20 -2.30 11.99 -21.09
C ILE C 20 -2.15 10.63 -21.76
N SER C 21 -1.18 9.83 -21.29
CA SER C 21 -0.88 8.55 -21.93
C SER C 21 -1.28 7.33 -21.07
N CYS C 22 -1.50 6.20 -21.73
CA CYS C 22 -2.02 5.01 -21.06
C CYS C 22 -1.32 3.78 -21.62
N THR C 23 -0.39 3.24 -20.86
CA THR C 23 0.45 2.19 -21.42
C THR C 23 0.22 0.81 -20.82
N GLY C 24 0.15 -0.17 -21.71
CA GLY C 24 0.05 -1.55 -21.28
C GLY C 24 0.93 -2.41 -22.18
N THR C 25 0.54 -3.66 -22.37
CA THR C 25 1.30 -4.60 -23.17
C THR C 25 0.60 -4.85 -24.48
N SER C 26 1.26 -5.59 -25.38
CA SER C 26 0.68 -5.87 -26.69
C SER C 26 -0.43 -6.89 -26.56
N SER C 27 -0.45 -7.59 -25.42
CA SER C 27 -1.54 -8.49 -25.07
C SER C 27 -2.86 -7.75 -25.13
N ASP C 28 -2.87 -6.53 -24.58
CA ASP C 28 -4.09 -5.74 -24.53
C ASP C 28 -4.09 -4.55 -25.48
N VAL C 29 -3.49 -3.45 -25.03
CA VAL C 29 -3.60 -2.19 -25.76
C VAL C 29 -3.04 -2.36 -27.17
N GLY C 30 -1.99 -3.18 -27.28
CA GLY C 30 -1.38 -3.41 -28.58
C GLY C 30 -2.29 -4.19 -29.51
N SER C 31 -3.22 -4.93 -28.93
CA SER C 31 -4.05 -5.88 -29.68
C SER C 31 -5.43 -5.37 -30.10
N TYR C 32 -6.03 -4.53 -29.27
CA TYR C 32 -7.44 -4.16 -29.46
C TYR C 32 -7.67 -2.66 -29.42
N ASN C 33 -8.56 -2.18 -30.28
CA ASN C 33 -8.92 -0.77 -30.27
C ASN C 33 -10.04 -0.53 -29.29
N TYR C 34 -9.75 -0.77 -28.01
CA TYR C 34 -10.79 -0.74 -27.02
C TYR C 34 -10.38 0.00 -25.77
N VAL C 35 -9.53 1.01 -25.95
CA VAL C 35 -9.18 1.88 -24.83
C VAL C 35 -10.17 3.03 -24.76
N ASN C 36 -10.47 3.47 -23.54
CA ASN C 36 -11.43 4.54 -23.33
C ASN C 36 -10.94 5.48 -22.25
N TRP C 37 -11.49 6.68 -22.24
CA TRP C 37 -11.03 7.74 -21.37
C TRP C 37 -12.22 8.34 -20.61
N TYR C 38 -12.10 8.37 -19.29
CA TYR C 38 -13.15 8.92 -18.46
C TYR C 38 -12.60 10.12 -17.69
N GLN C 39 -13.40 11.18 -17.63
CA GLN C 39 -13.08 12.38 -16.85
C GLN C 39 -13.87 12.33 -15.57
N GLN C 40 -13.25 12.66 -14.44
CA GLN C 40 -13.98 12.59 -13.18
C GLN C 40 -13.68 13.76 -12.27
N HIS C 41 -14.64 14.68 -12.16
CA HIS C 41 -14.48 15.81 -11.26
C HIS C 41 -14.69 15.32 -9.85
N PRO C 42 -13.98 15.90 -8.89
CA PRO C 42 -13.93 15.36 -7.52
C PRO C 42 -15.33 15.20 -6.93
N GLY C 43 -15.59 14.02 -6.38
CA GLY C 43 -16.84 13.82 -5.70
C GLY C 43 -18.01 13.62 -6.64
N LYS C 44 -17.73 13.34 -7.90
CA LYS C 44 -18.79 13.06 -8.85
C LYS C 44 -18.44 11.84 -9.68
N ALA C 45 -19.42 11.29 -10.37
CA ALA C 45 -19.20 10.07 -11.13
C ALA C 45 -18.45 10.32 -12.42
N PRO C 46 -17.62 9.36 -12.87
CA PRO C 46 -16.89 9.46 -14.12
C PRO C 46 -17.82 9.71 -15.30
N LYS C 47 -17.29 10.40 -16.31
CA LYS C 47 -18.00 10.60 -17.58
C LYS C 47 -17.13 10.09 -18.73
N LEU C 48 -17.76 9.46 -19.72
CA LEU C 48 -17.01 8.89 -20.81
C LEU C 48 -16.64 9.99 -21.81
N MET C 49 -15.34 10.17 -22.06
CA MET C 49 -14.88 11.19 -23.00
C MET C 49 -14.57 10.60 -24.36
N ILE C 50 -13.81 9.52 -24.38
CA ILE C 50 -13.48 8.84 -25.62
C ILE C 50 -13.66 7.36 -25.39
N TYR C 51 -14.12 6.65 -26.42
CA TYR C 51 -14.09 5.19 -26.37
C TYR C 51 -13.59 4.62 -27.69
N GLY C 52 -13.26 3.34 -27.69
CA GLY C 52 -12.84 2.72 -28.94
C GLY C 52 -11.58 3.40 -29.44
N VAL C 53 -10.69 3.72 -28.50
CA VAL C 53 -9.42 4.39 -28.78
C VAL C 53 -9.56 5.87 -29.14
N SER C 54 -10.56 6.18 -29.98
CA SER C 54 -10.59 7.44 -30.69
C SER C 54 -11.97 8.01 -30.89
N LYS C 55 -13.01 7.27 -30.52
CA LYS C 55 -14.38 7.73 -30.83
C LYS C 55 -14.94 8.58 -29.71
N ARG C 56 -15.69 9.61 -30.08
CA ARG C 56 -16.19 10.53 -29.09
C ARG C 56 -17.71 10.53 -29.04
N PRO C 57 -18.29 10.36 -27.83
CA PRO C 57 -19.74 10.40 -27.60
C PRO C 57 -20.35 11.72 -28.00
N SER C 58 -21.68 11.76 -28.16
CA SER C 58 -22.34 13.04 -28.35
C SER C 58 -22.18 13.89 -27.09
N GLY C 59 -22.14 15.20 -27.29
CA GLY C 59 -22.08 16.12 -26.16
C GLY C 59 -20.71 16.24 -25.56
N VAL C 60 -19.71 15.68 -26.22
CA VAL C 60 -18.32 15.77 -25.74
C VAL C 60 -17.54 16.73 -26.64
N SER C 61 -16.92 17.73 -26.02
CA SER C 61 -16.21 18.78 -26.74
C SER C 61 -15.20 18.18 -27.67
N ASN C 62 -15.18 18.66 -28.90
CA ASN C 62 -14.25 18.21 -29.92
C ASN C 62 -12.79 18.43 -29.52
N ARG C 63 -12.58 19.18 -28.42
CA ARG C 63 -11.23 19.42 -27.91
C ARG C 63 -10.62 18.14 -27.39
N PHE C 64 -11.48 17.19 -27.05
CA PHE C 64 -11.06 15.87 -26.61
C PHE C 64 -10.90 14.94 -27.80
N SER C 65 -9.71 14.40 -27.97
CA SER C 65 -9.47 13.41 -29.01
C SER C 65 -8.63 12.25 -28.47
N GLY C 66 -8.68 11.12 -29.16
CA GLY C 66 -7.92 9.96 -28.71
C GLY C 66 -7.18 9.25 -29.82
N SER C 67 -6.07 8.61 -29.46
CA SER C 67 -5.26 7.90 -30.44
C SER C 67 -4.50 6.79 -29.75
N LYS C 68 -3.78 6.01 -30.55
CA LYS C 68 -3.00 4.91 -30.03
C LYS C 68 -1.83 4.61 -30.96
N SER C 69 -0.63 4.50 -30.38
CA SER C 69 0.54 4.03 -31.10
C SER C 69 1.19 2.89 -30.34
N GLY C 70 1.33 1.74 -31.00
CA GLY C 70 1.92 0.60 -30.35
C GLY C 70 1.13 0.17 -29.13
N ASN C 71 1.72 0.33 -27.95
CA ASN C 71 1.11 -0.20 -26.74
C ASN C 71 0.64 0.89 -25.80
N THR C 72 0.55 2.11 -26.33
CA THR C 72 0.02 3.24 -25.57
C THR C 72 -1.06 4.03 -26.29
N ALA C 73 -2.18 4.22 -25.60
CA ALA C 73 -3.23 5.07 -26.10
C ALA C 73 -3.07 6.42 -25.43
N SER C 74 -3.39 7.48 -26.17
CA SER C 74 -3.22 8.83 -25.64
C SER C 74 -4.47 9.68 -25.79
N LEU C 75 -4.90 10.28 -24.69
CA LEU C 75 -5.99 11.26 -24.70
C LEU C 75 -5.37 12.62 -24.88
N THR C 76 -5.95 13.45 -25.74
CA THR C 76 -5.44 14.80 -25.91
C THR C 76 -6.51 15.87 -25.76
N ILE C 77 -6.30 16.77 -24.82
CA ILE C 77 -7.25 17.84 -24.57
C ILE C 77 -6.66 19.11 -25.17
N SER C 78 -7.34 19.68 -26.15
CA SER C 78 -6.84 20.89 -26.80
C SER C 78 -7.53 22.11 -26.24
N GLY C 79 -6.80 23.22 -26.19
CA GLY C 79 -7.37 24.46 -25.70
C GLY C 79 -7.88 24.35 -24.27
N LEU C 80 -6.98 23.99 -23.36
CA LEU C 80 -7.32 23.80 -21.96
C LEU C 80 -8.25 24.85 -21.38
N GLN C 81 -9.16 24.41 -20.52
CA GLN C 81 -10.03 25.32 -19.79
C GLN C 81 -9.99 24.97 -18.31
N ALA C 82 -10.40 25.91 -17.48
CA ALA C 82 -10.33 25.70 -16.05
C ALA C 82 -11.19 24.48 -15.71
N GLU C 83 -12.25 24.29 -16.47
CA GLU C 83 -13.20 23.22 -16.20
C GLU C 83 -12.60 21.88 -16.53
N ASP C 84 -11.52 21.87 -17.30
CA ASP C 84 -10.87 20.62 -17.68
C ASP C 84 -10.10 19.99 -16.53
N GLU C 85 -10.03 20.70 -15.42
CA GLU C 85 -9.31 20.19 -14.28
C GLU C 85 -10.09 19.08 -13.60
N ALA C 86 -9.58 17.85 -13.69
CA ALA C 86 -10.24 16.67 -13.16
C ALA C 86 -9.30 15.47 -13.09
N ASP C 87 -9.80 14.32 -12.65
CA ASP C 87 -9.02 13.08 -12.76
C ASP C 87 -9.37 12.44 -14.09
N TYR C 88 -8.36 11.92 -14.79
CA TYR C 88 -8.63 11.20 -16.02
C TYR C 88 -8.14 9.75 -15.94
N TYR C 89 -9.06 8.80 -16.08
CA TYR C 89 -8.69 7.39 -16.09
C TYR C 89 -8.85 6.83 -17.49
N CYS C 90 -7.96 5.95 -17.89
CA CYS C 90 -8.22 5.10 -19.03
C CYS C 90 -8.66 3.73 -18.57
N GLY C 91 -9.53 3.10 -19.35
CA GLY C 91 -9.92 1.74 -19.09
C GLY C 91 -9.92 0.97 -20.38
N THR C 92 -10.31 -0.29 -20.33
CA THR C 92 -10.54 -1.05 -21.55
C THR C 92 -11.98 -1.55 -21.52
N PHE C 93 -12.44 -2.10 -22.64
CA PHE C 93 -13.81 -2.60 -22.75
C PHE C 93 -14.01 -3.71 -21.75
N ALA C 94 -15.19 -3.76 -21.15
CA ALA C 94 -15.43 -4.73 -20.09
C ALA C 94 -16.74 -5.46 -20.34
N GLY C 95 -16.65 -6.76 -20.64
CA GLY C 95 -17.83 -7.52 -20.97
C GLY C 95 -17.57 -8.45 -22.13
N GLY C 96 -18.26 -9.59 -22.16
CA GLY C 96 -17.95 -10.57 -23.17
C GLY C 96 -16.61 -11.21 -22.90
N SER C 97 -15.83 -11.38 -23.96
CA SER C 97 -14.53 -12.07 -23.86
C SER C 97 -13.57 -11.21 -23.07
N TYR C 98 -13.99 -9.98 -22.77
CA TYR C 98 -13.08 -8.97 -22.26
C TYR C 98 -13.32 -8.61 -20.80
N TYR C 99 -12.23 -8.57 -20.03
CA TYR C 99 -12.33 -8.26 -18.61
C TYR C 99 -11.78 -6.88 -18.31
N GLY C 100 -12.35 -6.24 -17.30
CA GLY C 100 -12.10 -4.84 -17.07
C GLY C 100 -10.76 -4.52 -16.45
N VAL C 101 -10.26 -3.33 -16.75
CA VAL C 101 -9.06 -2.81 -16.11
C VAL C 101 -9.04 -1.30 -16.24
N PHE C 102 -8.48 -0.62 -15.26
CA PHE C 102 -8.32 0.82 -15.33
C PHE C 102 -6.89 1.24 -15.06
N GLY C 103 -6.55 2.45 -15.50
CA GLY C 103 -5.26 3.03 -15.13
C GLY C 103 -5.27 3.63 -13.74
N GLY C 104 -4.11 4.08 -13.28
CA GLY C 104 -4.03 4.69 -11.96
C GLY C 104 -4.75 6.01 -11.98
N GLY C 105 -4.91 6.55 -13.18
CA GLY C 105 -5.47 7.88 -13.33
C GLY C 105 -4.40 8.96 -13.37
N THR C 106 -4.76 10.10 -13.96
CA THR C 106 -3.91 11.26 -13.97
C THR C 106 -4.69 12.42 -13.37
N LYS C 107 -4.03 13.22 -12.53
CA LYS C 107 -4.62 14.47 -12.04
C LYS C 107 -4.15 15.63 -12.89
N LEU C 108 -5.06 16.11 -13.74
CA LEU C 108 -4.76 17.22 -14.63
C LEU C 108 -5.05 18.49 -13.87
N THR C 109 -4.02 19.30 -13.69
CA THR C 109 -4.20 20.59 -13.03
C THR C 109 -4.08 21.69 -14.07
N VAL C 110 -5.10 22.53 -14.19
CA VAL C 110 -5.03 23.65 -15.12
C VAL C 110 -4.70 24.90 -14.33
N LEU C 111 -3.78 25.69 -14.85
CA LEU C 111 -3.17 26.74 -14.07
C LEU C 111 -3.70 28.12 -14.40
N TRP C 112 -2.86 29.11 -14.14
CA TRP C 112 -3.34 30.44 -13.89
C TRP C 112 -3.45 31.36 -15.10
N SER C 113 -2.66 31.12 -16.15
CA SER C 113 -2.79 31.96 -17.35
C SER C 113 -2.41 33.43 -17.10
N HIS C 114 -1.30 33.85 -17.71
CA HIS C 114 -0.73 35.18 -17.47
C HIS C 114 -0.38 35.94 -18.74
N PRO C 115 -1.29 36.77 -19.26
CA PRO C 115 -0.89 37.70 -20.33
C PRO C 115 -0.37 39.09 -19.84
N GLN D 1 -33.35 10.67 -19.62
CA GLN D 1 -33.13 9.59 -20.62
C GLN D 1 -32.41 8.44 -19.92
N VAL D 2 -31.28 8.00 -20.49
CA VAL D 2 -30.52 6.91 -19.87
C VAL D 2 -30.05 7.29 -18.49
N GLN D 3 -30.30 6.41 -17.52
CA GLN D 3 -30.08 6.77 -16.13
C GLN D 3 -29.99 5.55 -15.22
N LEU D 4 -28.89 5.43 -14.48
CA LEU D 4 -28.80 4.39 -13.46
C LEU D 4 -28.79 5.06 -12.10
N VAL D 5 -29.71 4.68 -11.23
CA VAL D 5 -29.72 5.24 -9.88
C VAL D 5 -29.48 4.16 -8.83
N GLN D 6 -28.59 4.46 -7.88
CA GLN D 6 -28.08 3.43 -6.96
C GLN D 6 -28.71 3.51 -5.58
N SER D 7 -28.51 2.47 -4.79
CA SER D 7 -29.04 2.42 -3.42
C SER D 7 -28.32 3.42 -2.51
N GLY D 8 -28.99 3.81 -1.43
CA GLY D 8 -28.41 4.78 -0.50
C GLY D 8 -27.15 4.31 0.20
N ALA D 9 -26.55 5.22 0.99
CA ALA D 9 -25.25 4.96 1.59
C ALA D 9 -25.31 3.92 2.70
N GLU D 10 -24.28 3.09 2.80
CA GLU D 10 -24.27 2.06 3.81
C GLU D 10 -23.09 2.22 4.77
N VAL D 11 -23.37 2.08 6.07
CA VAL D 11 -22.33 1.93 7.09
C VAL D 11 -22.34 0.49 7.66
N LYS D 12 -21.24 -0.23 7.51
CA LYS D 12 -21.19 -1.60 7.97
C LYS D 12 -20.08 -1.80 8.98
N LYS D 13 -20.19 -2.86 9.78
CA LYS D 13 -19.12 -3.29 10.64
C LYS D 13 -18.32 -4.36 9.91
N PRO D 14 -16.99 -4.42 10.14
CA PRO D 14 -16.13 -5.38 9.42
C PRO D 14 -16.69 -6.79 9.52
N GLY D 15 -16.13 -7.70 8.73
CA GLY D 15 -16.63 -9.07 8.69
C GLY D 15 -18.01 -9.24 8.08
N ALA D 16 -18.86 -8.21 8.17
CA ALA D 16 -20.23 -8.27 7.66
C ALA D 16 -20.29 -8.42 6.13
N SER D 17 -21.42 -7.98 5.57
CA SER D 17 -21.55 -7.86 4.12
C SER D 17 -22.53 -6.72 3.71
N VAL D 18 -22.35 -6.23 2.49
CA VAL D 18 -23.22 -5.19 1.94
C VAL D 18 -23.64 -5.58 0.52
N LYS D 19 -24.83 -5.12 0.15
CA LYS D 19 -25.37 -5.38 -1.17
C LYS D 19 -25.96 -4.08 -1.71
N VAL D 20 -25.45 -3.64 -2.86
CA VAL D 20 -25.84 -2.35 -3.44
C VAL D 20 -26.72 -2.58 -4.66
N SER D 21 -27.68 -1.69 -4.86
CA SER D 21 -28.59 -1.83 -5.98
C SER D 21 -28.40 -0.73 -7.02
N CYS D 22 -28.83 -1.04 -8.24
CA CYS D 22 -28.61 -0.19 -9.42
C CYS D 22 -29.86 -0.27 -10.28
N LYS D 23 -30.62 0.82 -10.33
CA LYS D 23 -31.92 0.80 -11.00
C LYS D 23 -31.92 1.51 -12.34
N ALA D 24 -31.82 0.73 -13.41
CA ALA D 24 -31.69 1.26 -14.75
C ALA D 24 -33.04 1.71 -15.31
N SER D 25 -33.11 2.97 -15.73
CA SER D 25 -34.27 3.47 -16.48
C SER D 25 -33.74 4.06 -17.78
N GLY D 26 -34.63 4.43 -18.69
CA GLY D 26 -34.22 5.21 -19.84
C GLY D 26 -33.70 4.41 -21.02
N TYR D 27 -33.63 3.10 -20.85
CA TYR D 27 -33.24 2.25 -21.95
C TYR D 27 -33.64 0.81 -21.64
N THR D 28 -33.40 -0.09 -22.58
CA THR D 28 -33.81 -1.47 -22.37
C THR D 28 -32.82 -2.21 -21.51
N PHE D 29 -33.15 -2.37 -20.23
CA PHE D 29 -32.20 -2.89 -19.26
C PHE D 29 -31.39 -4.09 -19.77
N THR D 30 -32.05 -5.00 -20.47
CA THR D 30 -31.39 -6.23 -20.85
C THR D 30 -30.66 -6.10 -22.18
N SER D 31 -30.42 -4.87 -22.63
CA SER D 31 -29.84 -4.67 -23.95
C SER D 31 -28.34 -4.50 -23.90
N SER D 32 -27.78 -4.37 -22.70
CA SER D 32 -26.33 -4.37 -22.52
C SER D 32 -25.89 -4.69 -21.08
N TYR D 33 -24.60 -4.97 -20.91
CA TYR D 33 -24.05 -5.37 -19.62
C TYR D 33 -24.30 -4.33 -18.56
N ILE D 34 -24.13 -4.72 -17.31
CA ILE D 34 -23.92 -3.77 -16.22
C ILE D 34 -22.55 -4.06 -15.64
N ASN D 35 -21.80 -3.00 -15.38
CA ASN D 35 -20.47 -3.13 -14.82
C ASN D 35 -20.44 -2.51 -13.45
N TRP D 36 -19.58 -3.06 -12.59
CA TRP D 36 -19.41 -2.53 -11.23
C TRP D 36 -17.96 -2.09 -11.00
N VAL D 37 -17.82 -0.88 -10.49
CA VAL D 37 -16.51 -0.29 -10.23
C VAL D 37 -16.58 0.44 -8.89
N ARG D 38 -15.55 0.29 -8.06
CA ARG D 38 -15.47 1.02 -6.78
C ARG D 38 -14.25 1.94 -6.70
N GLN D 39 -14.35 2.90 -5.79
CA GLN D 39 -13.32 3.93 -5.65
C GLN D 39 -12.99 4.27 -4.20
N ALA D 40 -11.84 3.78 -3.74
CA ALA D 40 -11.33 4.07 -2.40
C ALA D 40 -11.06 5.58 -2.26
N PRO D 41 -11.54 6.20 -1.16
CA PRO D 41 -11.51 7.67 -1.07
C PRO D 41 -10.13 8.24 -1.38
N GLY D 42 -10.12 9.22 -2.30
CA GLY D 42 -8.89 9.76 -2.82
C GLY D 42 -8.06 8.69 -3.48
N GLN D 43 -8.61 8.02 -4.50
CA GLN D 43 -7.86 6.98 -5.21
C GLN D 43 -8.48 6.59 -6.54
N GLY D 44 -7.86 5.61 -7.20
CA GLY D 44 -8.21 5.29 -8.58
C GLY D 44 -9.56 4.60 -8.75
N LEU D 45 -9.89 4.21 -9.98
CA LEU D 45 -11.11 3.46 -10.19
C LEU D 45 -10.70 2.01 -10.24
N GLU D 46 -11.43 1.15 -9.52
CA GLU D 46 -11.12 -0.27 -9.54
C GLU D 46 -12.30 -1.07 -10.09
N TRP D 47 -12.01 -1.88 -11.10
CA TRP D 47 -13.05 -2.68 -11.73
C TRP D 47 -13.34 -3.93 -10.91
N MET D 48 -14.61 -4.22 -10.66
CA MET D 48 -14.98 -5.41 -9.89
C MET D 48 -15.48 -6.57 -10.74
N GLY D 49 -16.39 -6.28 -11.65
CA GLY D 49 -16.92 -7.33 -12.51
C GLY D 49 -18.03 -6.87 -13.44
N THR D 50 -18.42 -7.76 -14.34
CA THR D 50 -19.46 -7.47 -15.33
C THR D 50 -20.57 -8.50 -15.21
N ILE D 51 -21.81 -8.07 -15.34
CA ILE D 51 -22.89 -9.04 -15.41
C ILE D 51 -23.64 -8.87 -16.71
N ASN D 52 -23.94 -9.97 -17.37
CA ASN D 52 -24.71 -9.93 -18.60
C ASN D 52 -26.16 -10.18 -18.25
N PRO D 53 -26.98 -9.12 -18.23
CA PRO D 53 -28.32 -9.23 -17.63
C PRO D 53 -29.23 -10.18 -18.38
N VAL D 54 -28.87 -10.51 -19.62
CA VAL D 54 -29.63 -11.49 -20.37
C VAL D 54 -29.22 -12.90 -19.98
N SER D 55 -27.98 -13.27 -20.31
CA SER D 55 -27.49 -14.61 -20.03
C SER D 55 -27.47 -14.90 -18.52
N GLY D 56 -27.40 -13.85 -17.71
CA GLY D 56 -27.26 -14.04 -16.28
C GLY D 56 -25.82 -14.30 -15.88
N SER D 57 -24.94 -14.44 -16.86
CA SER D 57 -23.54 -14.72 -16.59
C SER D 57 -22.80 -13.62 -15.84
N THR D 58 -21.67 -13.97 -15.21
CA THR D 58 -20.81 -12.98 -14.57
C THR D 58 -19.31 -13.25 -14.79
N SER D 59 -18.54 -12.17 -14.99
CA SER D 59 -17.08 -12.21 -14.84
C SER D 59 -16.65 -11.33 -13.66
N TYR D 60 -15.64 -11.78 -12.94
CA TYR D 60 -15.22 -11.11 -11.72
C TYR D 60 -13.74 -10.73 -11.73
N ALA D 61 -13.44 -9.64 -11.01
CA ALA D 61 -12.06 -9.24 -10.80
C ALA D 61 -11.40 -10.23 -9.86
N GLN D 62 -10.23 -10.72 -10.24
CA GLN D 62 -9.57 -11.75 -9.45
C GLN D 62 -9.40 -11.29 -8.01
N LYS D 63 -9.01 -10.03 -7.85
CA LYS D 63 -8.98 -9.43 -6.52
C LYS D 63 -10.23 -9.76 -5.69
N PHE D 64 -11.40 -9.78 -6.32
CA PHE D 64 -12.65 -9.99 -5.59
C PHE D 64 -13.22 -11.39 -5.78
N GLN D 65 -12.49 -12.20 -6.54
CA GLN D 65 -12.94 -13.54 -6.89
C GLN D 65 -13.30 -14.37 -5.66
N GLY D 66 -14.60 -14.61 -5.46
CA GLY D 66 -15.04 -15.42 -4.35
C GLY D 66 -15.37 -14.66 -3.08
N ARG D 67 -15.86 -13.43 -3.21
CA ARG D 67 -16.54 -12.79 -2.07
C ARG D 67 -17.42 -11.63 -2.52
N VAL D 68 -17.49 -11.43 -3.83
CA VAL D 68 -18.46 -10.51 -4.41
C VAL D 68 -19.46 -11.24 -5.30
N THR D 69 -20.73 -10.90 -5.13
CA THR D 69 -21.79 -11.56 -5.85
C THR D 69 -22.65 -10.60 -6.66
N MET D 70 -22.68 -10.83 -7.97
CA MET D 70 -23.40 -9.96 -8.90
C MET D 70 -24.62 -10.61 -9.52
N THR D 71 -25.72 -9.87 -9.47
CA THR D 71 -27.03 -10.40 -9.82
C THR D 71 -27.94 -9.30 -10.37
N ARG D 72 -29.03 -9.68 -11.04
CA ARG D 72 -30.02 -8.72 -11.47
C ARG D 72 -31.43 -9.30 -11.45
N ASP D 73 -32.41 -8.46 -11.17
CA ASP D 73 -33.83 -8.84 -11.22
C ASP D 73 -34.49 -8.16 -12.41
N THR D 74 -34.55 -8.86 -13.55
CA THR D 74 -34.83 -8.17 -14.80
C THR D 74 -36.24 -7.59 -14.83
N SER D 75 -37.10 -8.11 -13.96
CA SER D 75 -38.51 -7.70 -13.91
C SER D 75 -38.71 -6.33 -13.26
N ILE D 76 -37.62 -5.77 -12.73
CA ILE D 76 -37.63 -4.40 -12.23
C ILE D 76 -36.38 -3.65 -12.70
N SER D 77 -35.64 -4.26 -13.63
CA SER D 77 -34.46 -3.65 -14.23
C SER D 77 -33.46 -3.20 -13.20
N THR D 78 -33.10 -4.08 -12.29
CA THR D 78 -32.17 -3.71 -11.24
C THR D 78 -31.03 -4.69 -11.10
N ALA D 79 -29.80 -4.19 -11.09
CA ALA D 79 -28.64 -5.05 -10.87
C ALA D 79 -28.16 -4.87 -9.45
N TYR D 80 -27.57 -5.92 -8.90
CA TYR D 80 -27.13 -5.90 -7.51
C TYR D 80 -25.68 -6.30 -7.40
N MET D 81 -25.00 -5.70 -6.44
CA MET D 81 -23.65 -6.12 -6.05
C MET D 81 -23.57 -6.39 -4.56
N GLU D 82 -23.05 -7.57 -4.22
CA GLU D 82 -22.93 -7.95 -2.83
C GLU D 82 -21.50 -8.33 -2.50
N LEU D 83 -20.93 -7.53 -1.61
CA LEU D 83 -19.58 -7.75 -1.12
C LEU D 83 -19.69 -8.28 0.29
N SER D 84 -19.10 -9.46 0.49
CA SER D 84 -19.21 -10.18 1.77
C SER D 84 -17.87 -10.25 2.48
N ARG D 85 -17.92 -10.46 3.81
CA ARG D 85 -16.73 -10.54 4.64
C ARG D 85 -15.91 -9.25 4.47
N LEU D 86 -16.56 -8.14 4.75
CA LEU D 86 -15.98 -6.83 4.54
C LEU D 86 -14.70 -6.63 5.32
N ARG D 87 -14.19 -5.40 5.26
CA ARG D 87 -13.02 -4.99 6.00
C ARG D 87 -12.95 -3.47 5.93
N SER D 88 -11.76 -2.93 6.14
CA SER D 88 -11.56 -1.48 6.16
C SER D 88 -11.29 -0.98 4.74
N ASP D 89 -10.31 -1.60 4.10
CA ASP D 89 -9.97 -1.23 2.75
C ASP D 89 -11.01 -1.79 1.78
N ASP D 90 -12.25 -1.87 2.25
CA ASP D 90 -13.38 -2.08 1.38
C ASP D 90 -14.14 -0.78 1.33
N THR D 91 -13.81 0.13 2.24
CA THR D 91 -14.57 1.37 2.34
C THR D 91 -14.33 2.17 1.07
N ALA D 92 -15.38 2.33 0.26
CA ALA D 92 -15.26 3.00 -1.02
C ALA D 92 -16.60 3.59 -1.47
N VAL D 93 -16.57 4.28 -2.60
CA VAL D 93 -17.79 4.52 -3.35
C VAL D 93 -17.91 3.45 -4.44
N TYR D 94 -19.13 2.95 -4.61
CA TYR D 94 -19.39 1.84 -5.51
C TYR D 94 -20.26 2.27 -6.67
N TYR D 95 -19.81 1.96 -7.87
CA TYR D 95 -20.47 2.42 -9.09
C TYR D 95 -20.96 1.27 -9.92
N CYS D 96 -22.12 1.44 -10.50
CA CYS D 96 -22.47 0.64 -11.66
C CYS D 96 -22.46 1.55 -12.88
N ALA D 97 -22.17 0.96 -14.03
CA ALA D 97 -22.08 1.67 -15.29
C ALA D 97 -22.67 0.79 -16.39
N ARG D 98 -23.25 1.42 -17.41
CA ARG D 98 -23.92 0.70 -18.47
C ARG D 98 -22.99 0.22 -19.59
N GLY D 99 -23.15 -1.03 -19.98
CA GLY D 99 -22.44 -1.52 -21.16
C GLY D 99 -20.93 -1.56 -20.99
N GLY D 100 -20.26 -2.24 -21.90
CA GLY D 100 -18.84 -2.47 -21.76
C GLY D 100 -17.99 -1.24 -21.99
N TRP D 101 -18.61 -0.15 -22.43
CA TRP D 101 -17.89 1.10 -22.61
C TRP D 101 -18.07 1.98 -21.39
N PHE D 102 -18.95 1.54 -20.49
CA PHE D 102 -19.22 2.30 -19.28
C PHE D 102 -19.80 3.66 -19.67
N ASP D 103 -20.61 3.70 -20.72
CA ASP D 103 -20.98 4.96 -21.31
C ASP D 103 -21.91 5.80 -20.44
N TYR D 104 -22.50 5.19 -19.42
CA TYR D 104 -23.28 5.93 -18.42
C TYR D 104 -23.03 5.37 -17.03
N TRP D 105 -22.75 6.24 -16.08
CA TRP D 105 -22.40 5.81 -14.72
C TRP D 105 -23.51 6.12 -13.71
N GLY D 106 -23.68 5.25 -12.72
CA GLY D 106 -24.59 5.54 -11.61
C GLY D 106 -24.11 6.72 -10.80
N GLN D 107 -24.81 7.10 -9.74
CA GLN D 107 -24.35 8.22 -8.94
C GLN D 107 -23.42 7.78 -7.83
N GLY D 108 -23.20 6.47 -7.72
CA GLY D 108 -22.34 5.92 -6.68
C GLY D 108 -23.01 5.64 -5.34
N THR D 109 -22.54 4.59 -4.66
CA THR D 109 -23.03 4.30 -3.31
C THR D 109 -21.86 4.20 -2.36
N LEU D 110 -21.86 5.09 -1.35
CA LEU D 110 -20.77 5.09 -0.35
C LEU D 110 -20.97 4.03 0.71
N VAL D 111 -20.06 3.07 0.76
CA VAL D 111 -20.08 2.07 1.81
C VAL D 111 -18.88 2.24 2.76
N THR D 112 -19.18 2.70 3.97
CA THR D 112 -18.19 2.87 5.04
C THR D 112 -18.18 1.70 6.04
N VAL D 113 -17.12 0.90 5.98
CA VAL D 113 -17.02 -0.33 6.77
C VAL D 113 -16.05 -0.14 7.94
N SER D 114 -16.59 0.38 9.03
CA SER D 114 -15.81 0.77 10.21
C SER D 114 -16.37 0.18 11.50
N SER D 115 -15.44 -0.31 12.33
CA SER D 115 -15.72 -0.70 13.73
C SER D 115 -15.84 0.53 14.65
N ARG E 9 23.71 12.48 36.09
CA ARG E 9 23.93 11.53 37.21
C ARG E 9 25.43 11.32 37.51
N GLU E 10 25.70 10.67 38.64
CA GLU E 10 26.90 9.87 38.83
C GLU E 10 26.54 8.45 39.27
N CYS E 11 27.27 7.47 38.73
CA CYS E 11 27.04 6.06 39.04
C CYS E 11 28.24 5.41 39.71
N ILE E 12 28.01 4.24 40.28
CA ILE E 12 29.11 3.42 40.76
C ILE E 12 29.80 2.79 39.58
N TYR E 13 31.12 2.85 39.54
CA TYR E 13 31.89 2.22 38.47
C TYR E 13 32.65 0.98 38.91
N TYR E 14 32.52 -0.09 38.13
CA TYR E 14 33.32 -1.29 38.32
C TYR E 14 33.64 -1.91 36.98
N ASN E 15 34.88 -2.32 36.80
CA ASN E 15 35.23 -3.14 35.65
C ASN E 15 36.07 -4.32 36.09
N ALA E 16 35.55 -5.52 35.87
CA ALA E 16 36.26 -6.71 36.30
C ALA E 16 37.37 -7.01 35.29
N ASN E 17 37.26 -6.47 34.08
CA ASN E 17 38.25 -6.75 33.08
C ASN E 17 39.14 -5.53 32.88
N TRP E 18 39.34 -4.80 33.96
CA TRP E 18 39.90 -3.45 33.92
C TRP E 18 41.25 -3.38 33.23
N GLU E 19 41.98 -4.48 33.18
CA GLU E 19 43.37 -4.40 32.76
C GLU E 19 43.49 -4.52 31.26
N LEU E 20 42.75 -5.48 30.69
CA LEU E 20 42.70 -5.68 29.25
C LEU E 20 41.97 -4.58 28.49
N GLU E 21 40.94 -4.03 29.13
CA GLU E 21 40.15 -2.97 28.53
C GLU E 21 40.74 -1.59 28.85
N ARG E 22 41.88 -1.57 29.53
CA ARG E 22 42.59 -0.33 29.87
C ARG E 22 41.66 0.73 30.45
N THR E 23 40.82 0.34 31.38
CA THR E 23 39.97 1.28 32.11
C THR E 23 40.38 1.34 33.58
N ASN E 24 39.66 2.14 34.37
CA ASN E 24 39.88 2.20 35.81
C ASN E 24 39.35 0.95 36.43
N GLN E 25 39.50 0.82 37.74
CA GLN E 25 39.02 -0.38 38.40
C GLN E 25 37.74 -0.21 39.15
N SER E 26 37.78 0.64 40.17
CA SER E 26 36.63 0.79 41.03
C SER E 26 36.45 2.24 41.32
N GLY E 27 35.21 2.66 41.59
CA GLY E 27 35.01 4.06 41.94
C GLY E 27 33.69 4.64 41.47
N LEU E 28 33.71 5.92 41.07
CA LEU E 28 32.53 6.59 40.55
C LEU E 28 32.67 6.88 39.06
N GLU E 29 31.57 6.81 38.34
CA GLU E 29 31.54 7.30 36.96
C GLU E 29 30.60 8.49 36.88
N ARG E 30 31.07 9.58 36.27
CA ARG E 30 30.22 10.75 36.06
C ARG E 30 29.67 10.72 34.66
N CYS E 31 28.35 10.69 34.57
CA CYS E 31 27.75 10.37 33.28
C CYS E 31 27.73 11.58 32.38
N GLU E 32 28.23 11.38 31.15
CA GLU E 32 28.09 12.39 30.10
C GLU E 32 26.83 12.12 29.26
N GLY E 33 25.97 13.14 29.15
CA GLY E 33 24.72 12.98 28.43
C GLY E 33 24.41 14.09 27.43
N GLU E 34 23.16 14.08 26.95
CA GLU E 34 22.67 15.15 26.07
C GLU E 34 21.45 15.86 26.66
N GLN E 35 20.99 16.88 25.94
CA GLN E 35 20.00 17.82 26.46
C GLN E 35 18.73 17.13 26.96
N ASP E 36 18.66 17.01 28.29
CA ASP E 36 17.47 16.49 28.97
C ASP E 36 17.22 15.02 28.60
N LYS E 37 18.25 14.36 28.06
CA LYS E 37 18.21 12.91 27.79
C LYS E 37 18.46 12.22 29.12
N ARG E 38 17.68 11.18 29.39
CA ARG E 38 17.78 10.48 30.66
C ARG E 38 19.12 9.75 30.79
N LEU E 39 19.59 9.60 32.02
CA LEU E 39 20.77 8.79 32.32
C LEU E 39 20.48 7.79 33.46
N HIS E 40 21.06 6.60 33.34
CA HIS E 40 20.82 5.51 34.27
C HIS E 40 22.12 4.89 34.75
N CYS E 41 22.02 4.04 35.76
CA CYS E 41 23.15 3.25 36.19
C CYS E 41 22.86 1.79 35.88
N TYR E 42 23.90 1.00 35.69
CA TYR E 42 23.74 -0.43 35.53
C TYR E 42 24.69 -1.24 36.42
N ALA E 43 24.23 -2.44 36.77
CA ALA E 43 25.08 -3.46 37.38
C ALA E 43 24.99 -4.72 36.55
N SER E 44 26.12 -5.42 36.40
CA SER E 44 26.14 -6.65 35.63
C SER E 44 27.06 -7.67 36.30
N TRP E 45 26.54 -8.86 36.56
CA TRP E 45 27.32 -9.90 37.23
C TRP E 45 27.01 -11.30 36.73
N ARG E 46 27.91 -12.24 37.00
CA ARG E 46 27.67 -13.65 36.69
C ARG E 46 27.26 -14.46 37.90
N ASN E 47 26.81 -15.68 37.65
CA ASN E 47 26.65 -16.68 38.69
C ASN E 47 27.16 -18.05 38.25
N SER E 48 28.49 -18.16 38.13
CA SER E 48 29.12 -19.39 37.66
C SER E 48 29.42 -20.36 38.80
N SER E 49 28.73 -21.51 38.78
CA SER E 49 29.00 -22.59 39.71
C SER E 49 28.94 -22.10 41.16
N GLY E 50 27.85 -21.41 41.52
CA GLY E 50 27.60 -21.03 42.91
C GLY E 50 28.47 -19.92 43.47
N THR E 51 29.30 -19.33 42.62
CA THR E 51 30.05 -18.12 42.96
C THR E 51 29.56 -16.93 42.15
N ILE E 52 29.26 -15.82 42.83
CA ILE E 52 28.81 -14.59 42.17
C ILE E 52 29.99 -13.72 41.75
N GLU E 53 30.24 -13.63 40.45
CA GLU E 53 31.30 -12.76 39.95
C GLU E 53 30.73 -11.44 39.44
N LEU E 54 31.33 -10.34 39.90
CA LEU E 54 30.98 -9.02 39.42
C LEU E 54 31.59 -8.79 38.04
N VAL E 55 30.83 -8.20 37.13
CA VAL E 55 31.37 -7.96 35.79
C VAL E 55 31.65 -6.48 35.48
N LYS E 56 30.61 -5.65 35.57
CA LYS E 56 30.77 -4.22 35.39
C LYS E 56 29.70 -3.43 36.12
N LYS E 57 30.04 -2.21 36.47
CA LYS E 57 29.07 -1.22 36.93
C LYS E 57 29.41 0.12 36.26
N GLY E 58 28.42 1.00 36.13
CA GLY E 58 28.65 2.29 35.51
C GLY E 58 27.41 2.93 34.91
N CYS E 59 27.61 3.95 34.08
CA CYS E 59 26.51 4.71 33.50
C CYS E 59 25.87 3.97 32.33
N TRP E 60 24.55 4.02 32.26
CA TRP E 60 23.80 3.45 31.16
C TRP E 60 23.05 4.59 30.46
N LEU E 61 23.05 4.61 29.14
CA LEU E 61 22.37 5.65 28.39
C LEU E 61 20.87 5.41 28.23
N ASP E 62 20.14 6.49 27.94
CA ASP E 62 18.67 6.52 27.96
C ASP E 62 18.09 5.19 27.46
N ASP E 63 17.43 4.46 28.35
CA ASP E 63 16.97 3.12 28.02
C ASP E 63 15.57 2.94 28.58
N PHE E 64 14.64 2.63 27.70
CA PHE E 64 13.22 2.53 28.06
C PHE E 64 13.00 1.53 29.18
N ASN E 65 13.92 0.57 29.33
CA ASN E 65 13.79 -0.46 30.34
C ASN E 65 13.99 0.12 31.73
N CYS E 66 14.91 1.05 31.86
CA CYS E 66 15.32 1.51 33.18
C CYS E 66 14.40 2.58 33.73
N TYR E 67 13.36 2.92 32.96
CA TYR E 67 12.53 4.06 33.30
C TYR E 67 11.86 3.90 34.65
N ASP E 68 12.05 4.91 35.49
CA ASP E 68 11.41 4.97 36.80
C ASP E 68 11.60 3.67 37.55
N ARG E 69 12.83 3.16 37.54
CA ARG E 69 13.20 2.06 38.43
C ARG E 69 14.23 2.54 39.43
N GLN E 70 13.89 2.43 40.71
CA GLN E 70 14.74 2.95 41.76
C GLN E 70 15.79 1.92 42.15
N GLU E 71 15.39 0.65 42.09
CA GLU E 71 16.27 -0.45 42.48
C GLU E 71 16.83 -1.09 41.23
N CYS E 72 18.12 -1.38 41.23
CA CYS E 72 18.69 -2.13 40.12
C CYS E 72 18.32 -3.60 40.29
N VAL E 73 17.34 -4.07 39.51
CA VAL E 73 16.90 -5.44 39.65
C VAL E 73 16.86 -6.15 38.30
N ALA E 74 17.59 -7.25 38.18
CA ALA E 74 17.57 -8.01 36.95
C ALA E 74 16.27 -8.80 36.85
N THR E 75 15.81 -9.01 35.61
CA THR E 75 14.49 -9.58 35.37
C THR E 75 14.53 -10.87 34.55
N GLU E 76 15.50 -10.99 33.63
CA GLU E 76 15.66 -12.20 32.85
C GLU E 76 15.73 -13.41 33.78
N GLU E 77 15.29 -14.57 33.30
CA GLU E 77 14.98 -15.68 34.19
C GLU E 77 16.25 -16.33 34.73
N ASN E 78 16.90 -17.14 33.89
CA ASN E 78 18.18 -17.73 34.24
C ASN E 78 19.23 -17.50 33.16
N PRO E 79 19.65 -16.25 33.01
CA PRO E 79 20.59 -15.81 31.98
C PRO E 79 22.00 -16.26 32.33
N GLN E 80 22.89 -16.25 31.34
CA GLN E 80 24.31 -16.41 31.63
C GLN E 80 24.70 -15.26 32.55
N VAL E 81 24.79 -14.05 31.98
CA VAL E 81 25.13 -12.86 32.73
C VAL E 81 23.86 -12.11 33.16
N TYR E 82 23.81 -11.70 34.43
CA TYR E 82 22.73 -10.89 34.95
C TYR E 82 22.95 -9.42 34.59
N PHE E 83 21.88 -8.69 34.26
CA PHE E 83 21.97 -7.26 34.00
C PHE E 83 20.79 -6.55 34.63
N CYS E 84 21.06 -5.41 35.25
CA CYS E 84 19.99 -4.51 35.68
C CYS E 84 20.45 -3.08 35.40
N CYS E 85 19.49 -2.17 35.33
CA CYS E 85 19.78 -0.75 35.33
C CYS E 85 18.73 -0.03 36.15
N CYS E 86 19.06 1.17 36.63
CA CYS E 86 18.18 1.89 37.52
C CYS E 86 18.37 3.39 37.36
N GLU E 87 17.41 4.16 37.86
CA GLU E 87 17.48 5.60 37.81
C GLU E 87 17.83 6.19 39.17
N GLY E 88 18.60 7.27 39.12
CA GLY E 88 19.01 7.96 40.34
C GLY E 88 20.45 7.66 40.67
N ASN E 89 21.14 8.63 41.25
CA ASN E 89 22.57 8.49 41.52
C ASN E 89 22.94 7.32 42.40
N PHE E 90 24.00 6.63 41.99
CA PHE E 90 24.59 5.57 42.78
C PHE E 90 23.63 4.39 42.99
N CYS E 91 22.46 4.42 42.34
CA CYS E 91 21.47 3.39 42.55
C CYS E 91 22.02 1.97 42.27
N ASN E 92 23.11 1.89 41.52
CA ASN E 92 23.64 0.60 41.08
C ASN E 92 24.66 0.01 42.06
N GLU E 93 24.86 0.67 43.19
CA GLU E 93 25.79 0.18 44.21
C GLU E 93 25.29 -1.15 44.76
N ARG E 94 23.97 -1.28 44.80
CA ARG E 94 23.35 -2.52 45.25
C ARG E 94 22.51 -3.09 44.11
N PHE E 95 22.59 -4.40 43.93
CA PHE E 95 21.83 -5.02 42.88
C PHE E 95 21.28 -6.34 43.37
N THR E 96 20.07 -6.67 42.93
CA THR E 96 19.50 -7.99 43.15
C THR E 96 18.94 -8.51 41.84
N HIS E 97 18.03 -9.47 41.94
CA HIS E 97 17.25 -9.96 40.80
C HIS E 97 16.14 -10.86 41.36
N LEU E 98 15.09 -11.11 40.59
CA LEU E 98 14.19 -12.22 40.91
C LEU E 98 13.30 -12.60 39.73
N ARG F 9 -32.36 -0.32 -38.05
CA ARG F 9 -31.88 -1.60 -37.45
C ARG F 9 -32.95 -2.30 -36.59
N GLU F 10 -33.24 -3.56 -36.95
CA GLU F 10 -34.24 -4.39 -36.27
C GLU F 10 -33.74 -5.81 -36.01
N CYS F 11 -34.07 -6.35 -34.85
CA CYS F 11 -33.66 -7.69 -34.45
C CYS F 11 -34.84 -8.62 -34.23
N ILE F 12 -34.56 -9.91 -34.17
CA ILE F 12 -35.55 -10.89 -33.75
C ILE F 12 -35.74 -10.78 -32.24
N TYR F 13 -36.98 -10.72 -31.78
CA TYR F 13 -37.25 -10.67 -30.35
C TYR F 13 -37.83 -11.97 -29.80
N TYR F 14 -37.26 -12.43 -28.69
CA TYR F 14 -37.82 -13.56 -27.95
C TYR F 14 -37.61 -13.38 -26.46
N ASN F 15 -38.65 -13.64 -25.69
CA ASN F 15 -38.49 -13.70 -24.25
C ASN F 15 -39.16 -14.94 -23.68
N ALA F 16 -38.36 -15.81 -23.09
CA ALA F 16 -38.88 -17.05 -22.56
C ALA F 16 -39.59 -16.78 -21.25
N ASN F 17 -39.25 -15.68 -20.61
CA ASN F 17 -39.84 -15.38 -19.31
C ASN F 17 -40.87 -14.26 -19.47
N TRP F 18 -41.50 -14.24 -20.64
CA TRP F 18 -42.27 -13.09 -21.08
C TRP F 18 -43.37 -12.67 -20.09
N GLU F 19 -43.82 -13.58 -19.25
CA GLU F 19 -45.02 -13.32 -18.48
C GLU F 19 -44.69 -12.61 -17.18
N LEU F 20 -43.65 -13.09 -16.51
CA LEU F 20 -43.14 -12.46 -15.29
C LEU F 20 -42.46 -11.09 -15.52
N GLU F 21 -41.77 -10.97 -16.65
CA GLU F 21 -41.07 -9.74 -16.99
C GLU F 21 -42.02 -8.78 -17.73
N ARG F 22 -43.26 -9.21 -17.89
CA ARG F 22 -44.29 -8.37 -18.49
C ARG F 22 -43.84 -7.74 -19.81
N THR F 23 -43.20 -8.54 -20.67
CA THR F 23 -42.83 -8.13 -22.02
C THR F 23 -43.64 -8.90 -23.08
N ASN F 24 -43.35 -8.66 -24.35
CA ASN F 24 -43.99 -9.40 -25.44
C ASN F 24 -43.39 -10.78 -25.49
N GLN F 25 -43.90 -11.61 -26.38
CA GLN F 25 -43.38 -12.96 -26.45
C GLN F 25 -42.41 -13.18 -27.61
N SER F 26 -42.91 -13.03 -28.82
CA SER F 26 -42.14 -13.37 -29.97
C SER F 26 -42.34 -12.27 -30.98
N GLY F 27 -41.35 -12.04 -31.85
CA GLY F 27 -41.55 -11.07 -32.90
C GLY F 27 -40.31 -10.32 -33.30
N LEU F 28 -40.47 -9.04 -33.63
CA LEU F 28 -39.36 -8.18 -33.99
C LEU F 28 -39.14 -7.10 -32.96
N GLU F 29 -37.88 -6.73 -32.73
CA GLU F 29 -37.57 -5.58 -31.90
C GLU F 29 -36.92 -4.56 -32.81
N ARG F 30 -37.43 -3.33 -32.82
CA ARG F 30 -36.74 -2.24 -33.54
C ARG F 30 -35.89 -1.39 -32.61
N CYS F 31 -34.57 -1.40 -32.85
CA CYS F 31 -33.62 -0.95 -31.88
C CYS F 31 -33.57 0.56 -31.77
N GLU F 32 -33.63 1.06 -30.54
CA GLU F 32 -33.41 2.48 -30.27
C GLU F 32 -31.94 2.71 -29.92
N GLY F 33 -31.31 3.65 -30.64
CA GLY F 33 -29.90 3.93 -30.42
C GLY F 33 -29.54 5.41 -30.28
N GLU F 34 -28.23 5.69 -30.36
CA GLU F 34 -27.75 7.06 -30.38
C GLU F 34 -26.91 7.36 -31.63
N GLN F 35 -26.49 8.61 -31.73
CA GLN F 35 -25.92 9.15 -32.98
C GLN F 35 -24.74 8.33 -33.47
N ASP F 36 -25.02 7.49 -34.47
CA ASP F 36 -23.99 6.71 -35.15
C ASP F 36 -23.35 5.68 -34.23
N LYS F 37 -24.03 5.42 -33.10
CA LYS F 37 -23.61 4.36 -32.18
C LYS F 37 -24.08 3.05 -32.78
N ARG F 38 -23.21 2.04 -32.75
CA ARG F 38 -23.53 0.75 -33.35
C ARG F 38 -24.67 0.05 -32.59
N LEU F 39 -25.42 -0.77 -33.33
CA LEU F 39 -26.43 -1.63 -32.73
C LEU F 39 -26.27 -3.08 -33.21
N HIS F 40 -26.54 -4.02 -32.32
CA HIS F 40 -26.36 -5.44 -32.59
C HIS F 40 -27.59 -6.23 -32.21
N CYS F 41 -27.61 -7.50 -32.60
CA CYS F 41 -28.63 -8.41 -32.14
C CYS F 41 -27.98 -9.48 -31.29
N TYR F 42 -28.75 -10.04 -30.37
CA TYR F 42 -28.25 -11.16 -29.56
C TYR F 42 -29.22 -12.32 -29.51
N ALA F 43 -28.65 -13.51 -29.33
CA ALA F 43 -29.40 -14.70 -28.99
C ALA F 43 -28.81 -15.29 -27.72
N SER F 44 -29.67 -15.84 -26.86
CA SER F 44 -29.23 -16.45 -25.61
C SER F 44 -30.06 -17.68 -25.31
N TRP F 45 -29.41 -18.82 -25.08
CA TRP F 45 -30.12 -20.06 -24.82
C TRP F 45 -29.39 -20.94 -23.82
N ARG F 46 -30.11 -21.91 -23.25
CA ARG F 46 -29.52 -22.91 -22.37
C ARG F 46 -29.33 -24.26 -23.05
N ASN F 47 -28.54 -25.12 -22.41
CA ASN F 47 -28.49 -26.51 -22.78
C ASN F 47 -28.56 -27.43 -21.56
N SER F 48 -29.76 -27.50 -20.96
CA SER F 48 -29.96 -28.27 -19.74
C SER F 48 -30.35 -29.73 -20.04
N SER F 49 -29.46 -30.65 -19.68
CA SER F 49 -29.74 -32.08 -19.76
C SER F 49 -30.19 -32.47 -21.16
N GLY F 50 -29.42 -32.05 -22.18
CA GLY F 50 -29.68 -32.49 -23.55
C GLY F 50 -30.86 -31.86 -24.27
N THR F 51 -31.52 -30.91 -23.62
CA THR F 51 -32.58 -30.13 -24.24
C THR F 51 -32.12 -28.70 -24.36
N ILE F 52 -32.29 -28.11 -25.55
CA ILE F 52 -31.93 -26.72 -25.81
C ILE F 52 -33.09 -25.77 -25.52
N GLU F 53 -32.97 -24.99 -24.45
CA GLU F 53 -34.01 -24.03 -24.13
C GLU F 53 -33.59 -22.63 -24.61
N LEU F 54 -34.51 -21.98 -25.32
CA LEU F 54 -34.34 -20.59 -25.73
C LEU F 54 -34.58 -19.66 -24.55
N VAL F 55 -33.74 -18.65 -24.38
CA VAL F 55 -33.92 -17.73 -23.25
C VAL F 55 -34.40 -16.35 -23.66
N LYS F 56 -33.63 -15.67 -24.51
CA LYS F 56 -34.02 -14.36 -25.04
C LYS F 56 -33.38 -14.08 -26.39
N LYS F 57 -34.05 -13.26 -27.19
CA LYS F 57 -33.48 -12.66 -28.38
C LYS F 57 -33.89 -11.18 -28.42
N GLY F 58 -33.10 -10.36 -29.10
CA GLY F 58 -33.40 -8.93 -29.19
C GLY F 58 -32.21 -8.06 -29.49
N CYS F 59 -32.36 -6.75 -29.29
CA CYS F 59 -31.33 -5.78 -29.58
C CYS F 59 -30.25 -5.75 -28.52
N TRP F 60 -29.00 -5.63 -28.96
CA TRP F 60 -27.86 -5.50 -28.08
C TRP F 60 -27.18 -4.16 -28.36
N LEU F 61 -26.82 -3.41 -27.32
CA LEU F 61 -26.18 -2.11 -27.51
C LEU F 61 -24.68 -2.22 -27.79
N ASP F 62 -24.13 -1.15 -28.38
CA ASP F 62 -22.76 -1.10 -28.90
C ASP F 62 -21.82 -1.93 -28.03
N ASP F 63 -21.29 -3.01 -28.58
CA ASP F 63 -20.49 -3.95 -27.80
C ASP F 63 -19.31 -4.40 -28.63
N PHE F 64 -18.12 -4.25 -28.07
CA PHE F 64 -16.87 -4.47 -28.79
C PHE F 64 -16.80 -5.88 -29.32
N ASN F 65 -17.49 -6.77 -28.63
CA ASN F 65 -17.44 -8.19 -28.94
C ASN F 65 -18.14 -8.45 -30.25
N CYS F 66 -19.24 -7.74 -30.51
CA CYS F 66 -20.09 -8.09 -31.64
C CYS F 66 -19.58 -7.48 -32.93
N TYR F 67 -18.46 -6.77 -32.85
CA TYR F 67 -18.03 -5.97 -33.98
C TYR F 67 -17.74 -6.83 -35.20
N ASP F 68 -18.37 -6.45 -36.31
CA ASP F 68 -18.15 -7.10 -37.60
C ASP F 68 -18.29 -8.61 -37.49
N ARG F 69 -19.34 -9.07 -36.80
CA ARG F 69 -19.70 -10.47 -36.80
C ARG F 69 -21.05 -10.62 -37.46
N GLN F 70 -21.07 -11.40 -38.54
CA GLN F 70 -22.28 -11.56 -39.33
C GLN F 70 -23.17 -12.67 -38.76
N GLU F 71 -22.51 -13.68 -38.20
CA GLU F 71 -23.21 -14.84 -37.64
C GLU F 71 -23.24 -14.70 -36.12
N CYS F 72 -24.38 -14.96 -35.52
CA CYS F 72 -24.46 -14.99 -34.06
C CYS F 72 -23.84 -16.30 -33.59
N VAL F 73 -22.62 -16.24 -33.07
CA VAL F 73 -21.95 -17.46 -32.64
C VAL F 73 -21.39 -17.32 -31.24
N ALA F 74 -21.81 -18.18 -30.33
CA ALA F 74 -21.29 -18.15 -28.98
C ALA F 74 -19.88 -18.73 -28.94
N THR F 75 -19.06 -18.21 -28.03
CA THR F 75 -17.64 -18.53 -28.00
C THR F 75 -17.18 -19.17 -26.69
N GLU F 76 -17.82 -18.79 -25.58
CA GLU F 76 -17.48 -19.38 -24.28
C GLU F 76 -17.56 -20.90 -24.37
N GLU F 77 -16.78 -21.60 -23.55
CA GLU F 77 -16.50 -23.01 -23.80
C GLU F 77 -17.70 -23.87 -23.45
N ASN F 78 -17.91 -24.10 -22.17
CA ASN F 78 -19.09 -24.82 -21.70
C ASN F 78 -19.81 -24.06 -20.61
N PRO F 79 -20.42 -22.92 -20.98
CA PRO F 79 -21.12 -22.01 -20.06
C PRO F 79 -22.44 -22.62 -19.61
N GLN F 80 -23.00 -22.08 -18.52
CA GLN F 80 -24.37 -22.41 -18.17
C GLN F 80 -25.24 -21.95 -19.34
N VAL F 81 -25.40 -20.63 -19.46
CA VAL F 81 -26.17 -20.04 -20.55
C VAL F 81 -25.25 -19.63 -21.71
N TYR F 82 -25.66 -19.98 -22.93
CA TYR F 82 -24.96 -19.55 -24.13
C TYR F 82 -25.38 -18.13 -24.53
N PHE F 83 -24.43 -17.33 -25.00
CA PHE F 83 -24.74 -15.99 -25.50
C PHE F 83 -23.95 -15.70 -26.77
N CYS F 84 -24.61 -15.09 -27.74
CA CYS F 84 -23.92 -14.57 -28.91
C CYS F 84 -24.56 -13.24 -29.26
N CYS F 85 -23.82 -12.40 -29.97
CA CYS F 85 -24.41 -11.23 -30.62
C CYS F 85 -23.78 -11.05 -32.01
N CYS F 86 -24.47 -10.31 -32.86
CA CYS F 86 -24.06 -10.19 -34.24
C CYS F 86 -24.50 -8.85 -34.80
N GLU F 87 -23.91 -8.47 -35.93
CA GLU F 87 -24.26 -7.23 -36.59
C GLU F 87 -25.08 -7.47 -37.85
N GLY F 88 -26.02 -6.57 -38.10
CA GLY F 88 -26.89 -6.69 -39.26
C GLY F 88 -28.28 -7.14 -38.88
N ASN F 89 -29.30 -6.67 -39.58
CA ASN F 89 -30.67 -6.95 -39.20
C ASN F 89 -31.04 -8.41 -39.17
N PHE F 90 -31.77 -8.78 -38.12
CA PHE F 90 -32.32 -10.11 -38.00
C PHE F 90 -31.25 -11.18 -37.89
N CYS F 91 -29.98 -10.78 -37.82
CA CYS F 91 -28.90 -11.76 -37.80
C CYS F 91 -29.04 -12.80 -36.67
N ASN F 92 -29.82 -12.48 -35.65
CA ASN F 92 -29.92 -13.33 -34.47
C ASN F 92 -31.03 -14.37 -34.58
N GLU F 93 -31.67 -14.45 -35.75
CA GLU F 93 -32.73 -15.44 -35.98
C GLU F 93 -32.15 -16.84 -35.92
N ARG F 94 -30.91 -16.96 -36.38
CA ARG F 94 -30.20 -18.22 -36.31
C ARG F 94 -28.97 -18.04 -35.43
N PHE F 95 -28.74 -19.02 -34.56
CA PHE F 95 -27.59 -18.97 -33.67
C PHE F 95 -26.93 -20.34 -33.57
N THR F 96 -25.61 -20.34 -33.49
CA THR F 96 -24.88 -21.56 -33.20
C THR F 96 -23.87 -21.26 -32.10
N HIS F 97 -22.86 -22.12 -31.99
CA HIS F 97 -21.71 -21.86 -31.14
C HIS F 97 -20.62 -22.84 -31.57
N LEU F 98 -19.38 -22.38 -31.48
CA LEU F 98 -18.26 -23.29 -31.61
C LEU F 98 -17.70 -23.43 -30.22
N PRO F 99 -17.12 -24.60 -29.91
CA PRO F 99 -16.64 -24.92 -28.56
C PRO F 99 -15.64 -23.88 -27.99
#